data_3VIP
#
_entry.id   3VIP
#
_cell.length_a   92.785
_cell.length_b   68.500
_cell.length_c   75.075
_cell.angle_alpha   90.00
_cell.angle_beta   95.38
_cell.angle_gamma   90.00
#
_symmetry.space_group_name_H-M   'C 1 2 1'
#
loop_
_entity.id
_entity.type
_entity.pdbx_description
1 polymer Beta-glucosidase
2 non-polymer '2-{4-[3-(5H-dibenzo[b,f]azepin-5-yl)propyl]piperazin-1-yl}ethyl beta-D-glucopyranoside'
3 non-polymer 5H-dibenzo[b,f]azepine
4 non-polymer GLYCEROL
5 non-polymer 'SODIUM ION'
6 non-polymer 'CHLORIDE ION'
7 water water
#
_entity_poly.entity_id   1
_entity_poly.type   'polypeptide(L)'
_entity_poly.pdbx_seq_one_letter_code
;MDVASSDTVYTFPDEFKLGAATASYQIEGAWDENGKGPNIWDTLTHEHPDYVVDGATGDIADDSYHLYKEDVKILKELGA
QVYRFSISWARVLPEGHDNIVNQDGIDYYNNLINELLANGIEPMVTMYHWDLPQALQDLGGWPNLVLAKYSENYARVLFK
NFGDRVKLWLTFNDPLTFMDGYASEIGMAPSINTPGIGDYLAAHTVIHAHARIYHLYDQEFRAEQGGKVGISLNINWCEP
ATNSAEDRASCENYQQFNLGLYAHPIFTEEGDYPAVLKDRVSRNSADEGYTDSRLPQFTAEEVEYIRGTHDFLGINFYTA
LLGKSGVEGYEPSRYRDSGVILTQDAAWPISASSWLKVVPWGFRKELNWIKNEYNNPPVFITENGFSDYGGLNDTGRVHY
YTEHLKEMLKAIHEDGVNVIGYTAWSLMDNFEWLRGYSEKFGIYAVDFEDPARPRIPKESAKVLAEIMNTRKIPERFRDL
EHHHHHH
;
_entity_poly.pdbx_strand_id   A
#
loop_
_chem_comp.id
_chem_comp.type
_chem_comp.name
_chem_comp.formula
CL non-polymer 'CHLORIDE ION' 'Cl -1'
GOI non-polymer '2-{4-[3-(5H-dibenzo[b,f]azepin-5-yl)propyl]piperazin-1-yl}ethyl beta-D-glucopyranoside' 'C29 H39 N3 O6'
GOL non-polymer GLYCEROL 'C3 H8 O3'
NA non-polymer 'SODIUM ION' 'Na 1'
ONB non-polymer 5H-dibenzo[b,f]azepine 'C14 H11 N'
#
# COMPACT_ATOMS: atom_id res chain seq x y z
N THR A 8 -28.87 -8.16 -7.25
CA THR A 8 -28.39 -7.01 -6.43
C THR A 8 -27.01 -7.24 -5.85
N VAL A 9 -26.77 -8.41 -5.27
CA VAL A 9 -25.48 -8.74 -4.66
C VAL A 9 -24.32 -8.76 -5.66
N TYR A 10 -24.65 -8.81 -6.95
CA TYR A 10 -23.67 -8.84 -8.02
C TYR A 10 -23.47 -7.50 -8.74
N THR A 11 -24.16 -6.47 -8.28
CA THR A 11 -24.13 -5.14 -8.91
C THR A 11 -23.38 -4.13 -8.05
N PHE A 12 -22.52 -3.34 -8.68
CA PHE A 12 -21.82 -2.28 -7.96
C PHE A 12 -22.75 -1.12 -7.62
N PRO A 13 -22.63 -0.54 -6.41
CA PRO A 13 -23.41 0.67 -6.12
C PRO A 13 -23.09 1.75 -7.15
N ASP A 14 -24.08 2.58 -7.44
CA ASP A 14 -23.95 3.59 -8.49
C ASP A 14 -22.72 4.47 -8.36
N GLU A 15 -22.42 4.90 -7.12
CA GLU A 15 -21.33 5.85 -6.89
C GLU A 15 -19.96 5.20 -6.67
N PHE A 16 -19.93 3.86 -6.67
CA PHE A 16 -18.70 3.12 -6.39
C PHE A 16 -17.69 3.34 -7.52
N LYS A 17 -16.43 3.60 -7.17
CA LYS A 17 -15.41 3.92 -8.18
C LYS A 17 -14.51 2.72 -8.46
N LEU A 18 -14.37 2.35 -9.73
CA LEU A 18 -13.55 1.23 -10.15
C LEU A 18 -12.36 1.72 -10.97
N GLY A 19 -11.20 1.12 -10.75
CA GLY A 19 -10.03 1.49 -11.56
C GLY A 19 -8.87 0.56 -11.36
N ALA A 20 -7.66 1.10 -11.52
CA ALA A 20 -6.42 0.33 -11.42
C ALA A 20 -5.33 1.21 -10.80
N ALA A 21 -4.25 0.57 -10.36
CA ALA A 21 -3.23 1.23 -9.54
C ALA A 21 -1.81 0.86 -9.99
N THR A 22 -0.88 1.78 -9.72
CA THR A 22 0.56 1.60 -9.91
C THR A 22 1.31 2.36 -8.81
N ALA A 23 2.64 2.22 -8.83
CA ALA A 23 3.55 2.96 -7.95
C ALA A 23 4.74 3.45 -8.75
N SER A 24 5.26 4.60 -8.36
CA SER A 24 6.28 5.32 -9.13
C SER A 24 7.54 4.50 -9.45
N TYR A 25 8.20 3.93 -8.44
CA TYR A 25 9.45 3.23 -8.69
C TYR A 25 9.16 1.98 -9.54
N GLN A 26 7.97 1.41 -9.38
CA GLN A 26 7.64 0.17 -10.07
C GLN A 26 7.45 0.37 -11.58
N ILE A 27 7.10 1.57 -12.01
CA ILE A 27 6.72 1.82 -13.40
C ILE A 27 7.51 2.90 -14.13
N GLU A 28 8.05 3.91 -13.44
CA GLU A 28 8.44 5.14 -14.15
C GLU A 28 9.72 5.05 -14.97
N GLY A 29 10.73 4.38 -14.44
CA GLY A 29 12.08 4.51 -15.00
C GLY A 29 12.60 5.93 -14.87
N ALA A 30 13.40 6.35 -15.85
CA ALA A 30 13.96 7.70 -15.84
C ALA A 30 14.51 8.08 -14.46
N TRP A 31 15.27 7.17 -13.87
CA TRP A 31 15.64 7.25 -12.45
C TRP A 31 16.56 8.42 -12.12
N ASP A 32 17.31 8.90 -13.12
CA ASP A 32 18.19 10.05 -12.94
C ASP A 32 17.99 11.10 -14.03
N GLU A 33 16.82 11.10 -14.64
CA GLU A 33 16.54 11.99 -15.76
C GLU A 33 16.04 13.33 -15.28
N ASN A 34 16.49 14.39 -15.98
CA ASN A 34 15.95 15.73 -15.79
C ASN A 34 15.84 16.16 -14.34
N GLY A 35 16.92 15.98 -13.58
CA GLY A 35 17.04 16.51 -12.24
C GLY A 35 16.54 15.62 -11.12
N LYS A 36 15.96 14.46 -11.43
CA LYS A 36 15.49 13.58 -10.36
C LYS A 36 16.66 13.15 -9.49
N GLY A 37 16.49 13.25 -8.17
CA GLY A 37 17.50 12.79 -7.24
C GLY A 37 17.35 11.32 -6.92
N PRO A 38 18.38 10.74 -6.29
CA PRO A 38 18.36 9.30 -6.01
C PRO A 38 17.50 8.97 -4.79
N ASN A 39 16.82 7.83 -4.86
CA ASN A 39 16.04 7.32 -3.74
C ASN A 39 16.62 5.99 -3.25
N ILE A 40 16.04 5.44 -2.19
CA ILE A 40 16.61 4.27 -1.55
C ILE A 40 16.49 3.02 -2.43
N TRP A 41 15.58 3.03 -3.39
CA TRP A 41 15.46 1.90 -4.33
C TRP A 41 16.49 1.99 -5.47
N ASP A 42 16.85 3.20 -5.89
CA ASP A 42 18.02 3.40 -6.74
C ASP A 42 19.23 2.84 -6.01
N THR A 43 19.38 3.17 -4.73
CA THR A 43 20.53 2.70 -3.97
C THR A 43 20.53 1.19 -3.84
N LEU A 44 19.40 0.60 -3.48
CA LEU A 44 19.35 -0.85 -3.27
C LEU A 44 19.69 -1.57 -4.56
N THR A 45 19.04 -1.21 -5.64
CA THR A 45 19.19 -1.99 -6.88
C THR A 45 20.55 -1.76 -7.53
N HIS A 46 21.16 -0.61 -7.27
CA HIS A 46 22.49 -0.32 -7.80
C HIS A 46 23.61 -0.90 -6.96
N GLU A 47 23.49 -0.82 -5.65
CA GLU A 47 24.56 -1.26 -4.76
C GLU A 47 24.40 -2.71 -4.31
N HIS A 48 23.17 -3.22 -4.31
CA HIS A 48 22.90 -4.57 -3.81
C HIS A 48 22.06 -5.39 -4.77
N PRO A 49 22.58 -5.59 -6.01
CA PRO A 49 21.80 -6.41 -6.94
C PRO A 49 21.62 -7.85 -6.49
N ASP A 50 22.47 -8.29 -5.57
CA ASP A 50 22.31 -9.60 -4.95
C ASP A 50 21.06 -9.73 -4.09
N TYR A 51 20.40 -8.63 -3.76
CA TYR A 51 19.15 -8.70 -3.01
C TYR A 51 17.93 -8.90 -3.90
N VAL A 52 18.10 -8.76 -5.21
CA VAL A 52 16.98 -8.69 -6.16
C VAL A 52 17.08 -9.83 -7.16
N VAL A 53 15.95 -10.48 -7.45
CA VAL A 53 15.94 -11.51 -8.50
C VAL A 53 16.47 -10.95 -9.81
N ASP A 54 17.42 -11.67 -10.41
CA ASP A 54 18.04 -11.31 -11.68
C ASP A 54 18.90 -10.05 -11.58
N GLY A 55 19.14 -9.51 -10.39
CA GLY A 55 19.83 -8.24 -10.28
C GLY A 55 19.07 -7.14 -11.01
N ALA A 56 17.74 -7.25 -11.05
CA ALA A 56 16.92 -6.27 -11.77
C ALA A 56 16.98 -4.89 -11.11
N THR A 57 16.73 -3.86 -11.91
CA THR A 57 16.57 -2.51 -11.37
C THR A 57 15.31 -1.87 -11.93
N GLY A 58 14.89 -0.78 -11.29
CA GLY A 58 13.83 0.08 -11.80
C GLY A 58 14.38 1.20 -12.69
N ASP A 59 15.57 1.05 -13.25
CA ASP A 59 16.15 2.17 -14.02
C ASP A 59 15.24 2.59 -15.18
N ILE A 60 14.62 1.60 -15.82
CA ILE A 60 13.66 1.81 -16.91
C ILE A 60 12.26 1.35 -16.54
N ALA A 61 12.13 0.12 -16.02
CA ALA A 61 10.81 -0.41 -15.64
C ALA A 61 9.85 -0.32 -16.84
N ASP A 62 8.65 0.21 -16.63
CA ASP A 62 7.69 0.37 -17.73
C ASP A 62 7.91 1.64 -18.53
N ASP A 63 8.93 2.41 -18.15
CA ASP A 63 9.22 3.68 -18.81
C ASP A 63 8.02 4.64 -18.79
N SER A 64 7.22 4.59 -17.74
CA SER A 64 6.04 5.46 -17.67
C SER A 64 6.38 6.94 -17.52
N TYR A 65 7.62 7.29 -17.17
CA TYR A 65 8.02 8.69 -17.24
C TYR A 65 7.87 9.21 -18.67
N HIS A 66 8.26 8.40 -19.65
CA HIS A 66 8.12 8.78 -21.06
C HIS A 66 6.79 8.37 -21.65
N LEU A 67 6.23 7.27 -21.16
CA LEU A 67 5.08 6.60 -21.79
C LEU A 67 3.75 6.84 -21.08
N TYR A 68 3.67 7.87 -20.24
CA TYR A 68 2.45 8.09 -19.47
C TYR A 68 1.20 8.20 -20.33
N LYS A 69 1.29 8.73 -21.55
CA LYS A 69 0.11 8.80 -22.40
C LYS A 69 -0.38 7.41 -22.81
N GLU A 70 0.55 6.45 -22.93
CA GLU A 70 0.16 5.08 -23.21
C GLU A 70 -0.56 4.47 -22.01
N ASP A 71 -0.14 4.83 -20.80
CA ASP A 71 -0.84 4.37 -19.60
C ASP A 71 -2.27 4.89 -19.58
N VAL A 72 -2.44 6.17 -19.92
CA VAL A 72 -3.79 6.73 -19.97
C VAL A 72 -4.64 6.04 -21.04
N LYS A 73 -4.03 5.76 -22.20
CA LYS A 73 -4.71 5.05 -23.27
C LYS A 73 -5.27 3.71 -22.79
N ILE A 74 -4.45 2.91 -22.11
CA ILE A 74 -4.93 1.62 -21.62
C ILE A 74 -5.93 1.76 -20.47
N LEU A 75 -5.80 2.79 -19.64
CA LEU A 75 -6.82 3.06 -18.62
C LEU A 75 -8.17 3.39 -19.26
N LYS A 76 -8.14 4.16 -20.35
CA LYS A 76 -9.35 4.51 -21.07
C LYS A 76 -9.96 3.26 -21.72
N GLU A 77 -9.12 2.41 -22.32
CA GLU A 77 -9.59 1.14 -22.89
CA GLU A 77 -9.61 1.17 -22.90
C GLU A 77 -10.25 0.28 -21.84
N LEU A 78 -9.62 0.20 -20.67
CA LEU A 78 -10.14 -0.56 -19.56
C LEU A 78 -11.48 -0.01 -19.07
N GLY A 79 -11.70 1.29 -19.22
CA GLY A 79 -12.86 1.96 -18.65
C GLY A 79 -12.68 2.35 -17.19
N ALA A 80 -11.44 2.50 -16.74
CA ALA A 80 -11.18 2.93 -15.37
C ALA A 80 -11.83 4.29 -15.08
N GLN A 81 -12.50 4.38 -13.94
CA GLN A 81 -13.00 5.67 -13.44
C GLN A 81 -11.96 6.43 -12.65
N VAL A 82 -11.02 5.70 -12.07
CA VAL A 82 -10.01 6.27 -11.21
CA VAL A 82 -10.00 6.22 -11.16
C VAL A 82 -8.68 5.56 -11.50
N TYR A 83 -7.60 6.34 -11.49
CA TYR A 83 -6.25 5.78 -11.59
C TYR A 83 -5.50 6.20 -10.35
N ARG A 84 -5.07 5.20 -9.57
CA ARG A 84 -4.24 5.44 -8.39
C ARG A 84 -2.78 5.27 -8.80
N PHE A 85 -2.00 6.32 -8.63
CA PHE A 85 -0.56 6.28 -8.91
C PHE A 85 0.14 6.97 -7.76
N SER A 86 1.45 6.80 -7.69
CA SER A 86 2.20 7.51 -6.66
C SER A 86 3.16 8.54 -7.27
N ILE A 87 3.56 9.49 -6.43
CA ILE A 87 4.52 10.51 -6.83
C ILE A 87 5.87 10.17 -6.24
N SER A 88 6.90 10.25 -7.06
CA SER A 88 8.27 10.01 -6.62
C SER A 88 8.81 11.25 -5.91
N TRP A 89 9.00 11.13 -4.60
CA TRP A 89 9.46 12.25 -3.79
C TRP A 89 10.71 12.88 -4.41
N ALA A 90 11.71 12.07 -4.75
CA ALA A 90 12.97 12.61 -5.24
C ALA A 90 12.88 13.15 -6.66
N ARG A 91 11.82 12.82 -7.41
CA ARG A 91 11.61 13.47 -8.69
C ARG A 91 11.13 14.93 -8.51
N VAL A 92 10.40 15.19 -7.42
CA VAL A 92 9.84 16.51 -7.12
C VAL A 92 10.81 17.34 -6.27
N LEU A 93 11.36 16.71 -5.21
CA LEU A 93 12.32 17.36 -4.31
C LEU A 93 13.58 16.51 -4.34
N PRO A 94 14.53 16.82 -5.25
CA PRO A 94 15.65 15.89 -5.45
C PRO A 94 16.54 15.72 -4.23
N GLU A 95 16.52 16.71 -3.34
CA GLU A 95 17.32 16.67 -2.11
CA GLU A 95 17.33 16.70 -2.12
C GLU A 95 16.49 16.25 -0.92
N GLY A 96 15.23 15.90 -1.14
CA GLY A 96 14.36 15.45 -0.05
C GLY A 96 13.72 16.62 0.67
N HIS A 97 14.58 17.51 1.18
CA HIS A 97 14.16 18.79 1.74
C HIS A 97 13.50 19.64 0.67
N ASP A 98 12.72 20.64 1.08
CA ASP A 98 11.96 21.44 0.15
C ASP A 98 12.68 22.66 -0.41
N ASN A 99 14.00 22.71 -0.27
CA ASN A 99 14.74 23.86 -0.79
C ASN A 99 14.77 23.92 -2.31
N ILE A 100 14.78 22.77 -2.97
CA ILE A 100 14.82 22.71 -4.43
C ILE A 100 13.61 21.92 -4.92
N VAL A 101 12.79 22.58 -5.75
CA VAL A 101 11.67 21.93 -6.40
C VAL A 101 12.04 21.74 -7.85
N ASN A 102 12.01 20.48 -8.29
CA ASN A 102 12.38 20.14 -9.67
C ASN A 102 11.20 20.38 -10.60
N GLN A 103 11.28 21.44 -11.41
CA GLN A 103 10.19 21.80 -12.30
C GLN A 103 9.85 20.66 -13.28
N ASP A 104 10.84 19.87 -13.66
CA ASP A 104 10.56 18.75 -14.55
C ASP A 104 9.60 17.75 -13.91
N GLY A 105 9.80 17.48 -12.63
CA GLY A 105 8.91 16.61 -11.87
C GLY A 105 7.50 17.18 -11.74
N ILE A 106 7.41 18.47 -11.43
CA ILE A 106 6.12 19.13 -11.38
C ILE A 106 5.40 19.01 -12.74
N ASP A 107 6.14 19.27 -13.83
CA ASP A 107 5.57 19.20 -15.17
C ASP A 107 5.10 17.79 -15.49
N TYR A 108 5.88 16.79 -15.13
CA TYR A 108 5.53 15.41 -15.41
C TYR A 108 4.20 15.03 -14.77
N TYR A 109 4.10 15.24 -13.46
CA TYR A 109 2.85 14.87 -12.79
C TYR A 109 1.67 15.73 -13.26
N ASN A 110 1.89 17.03 -13.55
CA ASN A 110 0.82 17.82 -14.16
C ASN A 110 0.39 17.24 -15.51
N ASN A 111 1.37 16.82 -16.31
CA ASN A 111 1.05 16.24 -17.61
C ASN A 111 0.20 14.97 -17.48
N LEU A 112 0.60 14.11 -16.54
CA LEU A 112 -0.18 12.90 -16.28
C LEU A 112 -1.59 13.23 -15.79
N ILE A 113 -1.69 14.10 -14.79
CA ILE A 113 -2.99 14.49 -14.24
C ILE A 113 -3.89 15.08 -15.32
N ASN A 114 -3.35 15.99 -16.14
CA ASN A 114 -4.15 16.64 -17.17
C ASN A 114 -4.58 15.65 -18.25
N GLU A 115 -3.72 14.69 -18.56
CA GLU A 115 -4.04 13.66 -19.54
C GLU A 115 -5.16 12.75 -19.03
N LEU A 116 -5.11 12.39 -17.75
CA LEU A 116 -6.18 11.61 -17.12
C LEU A 116 -7.50 12.35 -17.19
N LEU A 117 -7.50 13.60 -16.75
CA LEU A 117 -8.73 14.38 -16.71
C LEU A 117 -9.34 14.61 -18.10
N ALA A 118 -8.48 14.80 -19.10
CA ALA A 118 -8.90 14.98 -20.49
C ALA A 118 -9.57 13.73 -21.03
N ASN A 119 -9.29 12.59 -20.40
CA ASN A 119 -9.82 11.30 -20.81
C ASN A 119 -10.86 10.77 -19.83
N GLY A 120 -11.31 11.63 -18.93
CA GLY A 120 -12.42 11.32 -18.03
C GLY A 120 -12.07 10.39 -16.88
N ILE A 121 -10.79 10.33 -16.51
CA ILE A 121 -10.30 9.44 -15.46
C ILE A 121 -9.86 10.31 -14.28
N GLU A 122 -10.33 9.97 -13.09
CA GLU A 122 -9.99 10.71 -11.88
C GLU A 122 -8.64 10.26 -11.29
N PRO A 123 -7.72 11.21 -11.04
CA PRO A 123 -6.47 10.83 -10.38
C PRO A 123 -6.65 10.61 -8.88
N MET A 124 -6.01 9.56 -8.38
CA MET A 124 -5.91 9.32 -6.93
C MET A 124 -4.41 9.18 -6.66
N VAL A 125 -3.88 10.04 -5.80
CA VAL A 125 -2.43 10.16 -5.66
C VAL A 125 -1.95 9.67 -4.30
N THR A 126 -1.04 8.70 -4.35
CA THR A 126 -0.28 8.26 -3.19
C THR A 126 0.98 9.10 -3.07
N MET A 127 1.17 9.78 -1.94
CA MET A 127 2.37 10.62 -1.78
C MET A 127 3.63 9.78 -1.63
N TYR A 128 3.53 8.70 -0.86
CA TYR A 128 4.70 7.90 -0.52
C TYR A 128 4.44 6.41 -0.70
N HIS A 129 5.01 5.85 -1.77
CA HIS A 129 4.99 4.42 -2.00
C HIS A 129 6.42 3.87 -2.07
N TRP A 130 7.19 4.11 -1.01
CA TRP A 130 8.38 3.36 -0.62
C TRP A 130 9.72 3.93 -1.13
N ASP A 131 9.66 5.02 -1.89
CA ASP A 131 10.82 5.54 -2.58
C ASP A 131 11.40 6.81 -1.92
N LEU A 132 11.83 6.65 -0.67
CA LEU A 132 12.41 7.74 0.11
C LEU A 132 13.67 8.33 -0.57
N PRO A 133 13.79 9.66 -0.65
CA PRO A 133 15.05 10.22 -1.12
C PRO A 133 16.24 9.74 -0.29
N GLN A 134 17.33 9.40 -0.96
CA GLN A 134 18.51 8.93 -0.24
C GLN A 134 19.05 9.96 0.74
N ALA A 135 18.92 11.26 0.42
CA ALA A 135 19.41 12.29 1.32
C ALA A 135 18.71 12.24 2.68
N LEU A 136 17.46 11.76 2.69
CA LEU A 136 16.73 11.62 3.95
C LEU A 136 17.04 10.31 4.65
N GLN A 137 17.27 9.24 3.89
CA GLN A 137 17.74 7.99 4.49
C GLN A 137 19.08 8.22 5.17
N ASP A 138 19.90 9.13 4.62
CA ASP A 138 21.21 9.39 5.20
C ASP A 138 21.16 9.99 6.60
N LEU A 139 20.01 10.56 6.97
CA LEU A 139 19.76 11.01 8.36
C LEU A 139 19.25 9.91 9.27
N GLY A 140 19.08 8.71 8.71
CA GLY A 140 18.49 7.58 9.40
C GLY A 140 17.18 7.12 8.77
N GLY A 141 16.58 7.94 7.92
CA GLY A 141 15.30 7.56 7.34
C GLY A 141 14.18 7.52 8.36
N TRP A 142 13.21 6.64 8.13
CA TRP A 142 11.96 6.67 8.90
C TRP A 142 12.12 6.56 10.43
N PRO A 143 13.12 5.83 10.97
CA PRO A 143 13.31 5.84 12.42
C PRO A 143 13.62 7.21 13.02
N ASN A 144 14.04 8.17 12.19
CA ASN A 144 14.37 9.51 12.68
C ASN A 144 13.13 10.41 12.54
N LEU A 145 12.57 10.82 13.67
CA LEU A 145 11.33 11.59 13.71
C LEU A 145 11.40 12.91 12.96
N VAL A 146 12.59 13.43 12.66
CA VAL A 146 12.68 14.65 11.87
C VAL A 146 12.00 14.51 10.50
N LEU A 147 11.86 13.27 10.02
CA LEU A 147 11.19 13.05 8.74
C LEU A 147 9.72 13.42 8.76
N ALA A 148 9.08 13.52 9.94
CA ALA A 148 7.67 13.91 9.93
C ALA A 148 7.49 15.34 9.40
N LYS A 149 8.33 16.27 9.83
CA LYS A 149 8.26 17.63 9.28
C LYS A 149 8.66 17.64 7.81
N TYR A 150 9.67 16.85 7.44
CA TYR A 150 10.06 16.81 6.02
C TYR A 150 8.89 16.32 5.17
N SER A 151 8.13 15.36 5.70
CA SER A 151 6.98 14.82 4.99
C SER A 151 5.88 15.86 4.85
N GLU A 152 5.63 16.64 5.90
CA GLU A 152 4.69 17.74 5.79
C GLU A 152 5.10 18.68 4.67
N ASN A 153 6.39 19.02 4.60
CA ASN A 153 6.84 19.99 3.61
C ASN A 153 6.69 19.45 2.20
N TYR A 154 6.96 18.15 2.03
CA TYR A 154 6.75 17.48 0.75
C TYR A 154 5.27 17.53 0.35
N ALA A 155 4.40 17.18 1.28
CA ALA A 155 2.96 17.22 1.01
C ALA A 155 2.50 18.63 0.64
N ARG A 156 3.03 19.67 1.28
CA ARG A 156 2.65 21.03 0.93
C ARG A 156 2.93 21.30 -0.55
N VAL A 157 4.09 20.87 -1.03
CA VAL A 157 4.44 21.04 -2.44
C VAL A 157 3.41 20.31 -3.33
N LEU A 158 3.02 19.11 -2.93
CA LEU A 158 2.06 18.33 -3.71
C LEU A 158 0.68 18.99 -3.71
N PHE A 159 0.19 19.41 -2.55
CA PHE A 159 -1.12 20.06 -2.48
C PHE A 159 -1.12 21.36 -3.29
N LYS A 160 -0.07 22.17 -3.13
CA LYS A 160 0.01 23.46 -3.82
C LYS A 160 -0.03 23.30 -5.33
N ASN A 161 0.73 22.32 -5.84
CA ASN A 161 0.90 22.18 -7.28
C ASN A 161 -0.22 21.38 -7.94
N PHE A 162 -0.77 20.38 -7.24
CA PHE A 162 -1.66 19.43 -7.87
C PHE A 162 -3.07 19.40 -7.31
N GLY A 163 -3.27 20.00 -6.13
CA GLY A 163 -4.52 19.84 -5.39
C GLY A 163 -5.73 20.55 -5.99
N ASP A 164 -5.49 21.45 -6.94
CA ASP A 164 -6.60 22.04 -7.69
C ASP A 164 -7.32 21.01 -8.56
N ARG A 165 -6.61 19.93 -8.92
CA ARG A 165 -7.14 18.88 -9.79
C ARG A 165 -7.20 17.51 -9.13
N VAL A 166 -6.46 17.28 -8.06
CA VAL A 166 -6.49 16.00 -7.39
C VAL A 166 -7.31 16.14 -6.12
N LYS A 167 -8.32 15.29 -5.98
CA LYS A 167 -9.25 15.33 -4.85
C LYS A 167 -9.24 14.08 -3.98
N LEU A 168 -8.38 13.13 -4.32
CA LEU A 168 -8.21 11.90 -3.57
C LEU A 168 -6.73 11.69 -3.32
N TRP A 169 -6.36 11.66 -2.04
CA TRP A 169 -4.97 11.54 -1.63
C TRP A 169 -4.80 10.40 -0.64
N LEU A 170 -3.68 9.69 -0.79
CA LEU A 170 -3.19 8.80 0.26
C LEU A 170 -1.85 9.33 0.72
N THR A 171 -1.67 9.47 2.03
CA THR A 171 -0.38 9.95 2.53
C THR A 171 0.68 8.87 2.26
N PHE A 172 0.43 7.68 2.80
CA PHE A 172 1.36 6.58 2.75
C PHE A 172 0.72 5.33 2.18
N ASN A 173 1.53 4.58 1.46
CA ASN A 173 1.15 3.22 1.08
C ASN A 173 1.85 2.21 1.96
N ASP A 174 1.07 1.46 2.73
CA ASP A 174 1.55 0.26 3.40
C ASP A 174 2.85 0.41 4.19
N PRO A 175 2.80 1.22 5.26
CA PRO A 175 3.94 1.30 6.16
C PRO A 175 4.19 -0.01 6.92
N LEU A 176 3.19 -0.87 7.04
CA LEU A 176 3.46 -2.17 7.64
C LEU A 176 4.57 -2.90 6.88
N THR A 177 4.52 -2.84 5.56
CA THR A 177 5.59 -3.44 4.76
C THR A 177 6.85 -2.56 4.79
N PHE A 178 6.73 -1.26 4.51
CA PHE A 178 7.98 -0.53 4.36
C PHE A 178 8.75 -0.35 5.67
N MET A 179 8.08 -0.43 6.81
CA MET A 179 8.81 -0.42 8.09
C MET A 179 9.77 -1.63 8.18
N ASP A 180 9.45 -2.71 7.46
CA ASP A 180 10.30 -3.91 7.42
CA ASP A 180 10.31 -3.89 7.47
C ASP A 180 11.64 -3.63 6.75
N GLY A 181 11.75 -2.53 6.02
CA GLY A 181 13.05 -2.11 5.51
C GLY A 181 14.05 -1.80 6.60
N TYR A 182 13.57 -1.69 7.83
CA TYR A 182 14.41 -1.48 9.01
C TYR A 182 14.45 -2.74 9.89
N ALA A 183 14.06 -3.88 9.34
CA ALA A 183 14.04 -5.13 10.10
C ALA A 183 14.82 -6.27 9.42
N SER A 184 15.66 -5.98 8.43
CA SER A 184 16.49 -7.01 7.79
C SER A 184 17.64 -6.39 7.02
N GLU A 185 18.81 -7.01 7.07
CA GLU A 185 19.96 -6.51 6.29
C GLU A 185 19.85 -6.80 4.79
N ILE A 186 18.98 -7.72 4.38
CA ILE A 186 18.88 -8.10 2.98
C ILE A 186 17.50 -7.87 2.38
N GLY A 187 16.65 -7.14 3.10
CA GLY A 187 15.26 -6.98 2.69
C GLY A 187 14.96 -5.70 1.94
N MET A 188 13.70 -5.27 2.05
CA MET A 188 13.18 -4.03 1.48
CA MET A 188 13.30 -4.07 1.34
C MET A 188 14.12 -2.87 1.77
N ALA A 189 14.25 -1.92 0.85
CA ALA A 189 15.06 -0.75 1.11
C ALA A 189 14.57 -0.03 2.37
N PRO A 190 15.50 0.48 3.22
CA PRO A 190 16.94 0.58 3.00
C PRO A 190 17.75 -0.60 3.51
N SER A 191 17.09 -1.73 3.79
CA SER A 191 17.79 -2.97 4.12
C SER A 191 18.67 -2.83 5.37
N ILE A 192 18.06 -2.35 6.45
CA ILE A 192 18.75 -2.19 7.70
CA ILE A 192 18.68 -2.09 7.74
C ILE A 192 18.22 -3.17 8.74
N ASN A 193 19.15 -3.79 9.46
CA ASN A 193 18.80 -4.86 10.37
C ASN A 193 18.56 -4.38 11.80
N THR A 194 17.42 -3.73 12.06
CA THR A 194 17.03 -3.31 13.41
C THR A 194 15.64 -3.84 13.77
N PRO A 195 15.38 -5.15 13.57
CA PRO A 195 14.06 -5.70 13.89
C PRO A 195 13.66 -5.45 15.35
N GLY A 196 12.38 -5.17 15.57
CA GLY A 196 11.87 -4.98 16.91
C GLY A 196 12.27 -3.67 17.56
N ILE A 197 13.01 -2.81 16.85
CA ILE A 197 13.53 -1.55 17.39
C ILE A 197 13.34 -0.44 16.35
N GLY A 198 14.06 -0.53 15.23
CA GLY A 198 14.01 0.52 14.22
C GLY A 198 12.73 0.50 13.41
N ASP A 199 12.15 -0.69 13.21
CA ASP A 199 10.86 -0.76 12.54
C ASP A 199 9.79 -0.07 13.36
N TYR A 200 9.74 -0.27 14.67
CA TYR A 200 8.77 0.48 15.49
C TYR A 200 9.03 1.98 15.42
N LEU A 201 10.28 2.41 15.45
CA LEU A 201 10.56 3.83 15.31
C LEU A 201 10.06 4.36 13.97
N ALA A 202 10.26 3.60 12.90
CA ALA A 202 9.77 4.00 11.60
C ALA A 202 8.26 4.19 11.59
N ALA A 203 7.55 3.25 12.21
CA ALA A 203 6.09 3.34 12.28
C ALA A 203 5.68 4.63 13.01
N HIS A 204 6.37 4.92 14.10
CA HIS A 204 6.05 6.07 14.91
C HIS A 204 6.19 7.34 14.09
N THR A 205 7.28 7.45 13.34
CA THR A 205 7.49 8.64 12.50
C THR A 205 6.41 8.73 11.42
N VAL A 206 6.09 7.60 10.80
CA VAL A 206 5.10 7.59 9.73
C VAL A 206 3.75 8.08 10.26
N ILE A 207 3.34 7.61 11.43
CA ILE A 207 2.07 8.03 12.00
C ILE A 207 2.08 9.54 12.27
N HIS A 208 3.17 10.05 12.86
CA HIS A 208 3.31 11.48 13.06
C HIS A 208 3.25 12.25 11.75
N ALA A 209 3.92 11.73 10.73
CA ALA A 209 3.97 12.36 9.42
C ALA A 209 2.59 12.42 8.80
N HIS A 210 1.90 11.28 8.81
CA HIS A 210 0.53 11.23 8.33
C HIS A 210 -0.34 12.30 8.98
N ALA A 211 -0.25 12.39 10.31
CA ALA A 211 -1.09 13.33 11.03
C ALA A 211 -0.74 14.77 10.67
N ARG A 212 0.55 15.08 10.53
CA ARG A 212 0.94 16.42 10.09
CA ARG A 212 0.96 16.41 10.08
C ARG A 212 0.39 16.73 8.70
N ILE A 213 0.42 15.75 7.80
CA ILE A 213 -0.06 15.99 6.44
C ILE A 213 -1.56 16.25 6.45
N TYR A 214 -2.31 15.47 7.25
CA TYR A 214 -3.76 15.66 7.31
C TYR A 214 -4.11 17.05 7.89
N HIS A 215 -3.45 17.43 8.99
CA HIS A 215 -3.68 18.75 9.57
C HIS A 215 -3.28 19.85 8.60
N LEU A 216 -2.18 19.66 7.87
CA LEU A 216 -1.78 20.61 6.84
C LEU A 216 -2.89 20.81 5.81
N TYR A 217 -3.49 19.71 5.36
CA TYR A 217 -4.57 19.82 4.40
C TYR A 217 -5.72 20.61 5.00
N ASP A 218 -6.13 20.27 6.22
CA ASP A 218 -7.18 21.05 6.90
C ASP A 218 -6.85 22.54 6.95
N GLN A 219 -5.60 22.87 7.31
CA GLN A 219 -5.24 24.25 7.59
C GLN A 219 -5.00 25.10 6.35
N GLU A 220 -4.37 24.50 5.34
CA GLU A 220 -3.83 25.27 4.23
C GLU A 220 -4.57 25.04 2.90
N PHE A 221 -5.37 23.97 2.78
CA PHE A 221 -5.88 23.55 1.46
C PHE A 221 -7.33 23.09 1.33
N ARG A 222 -7.91 22.52 2.39
CA ARG A 222 -9.22 21.86 2.25
C ARG A 222 -10.34 22.80 1.81
N ALA A 223 -10.40 23.98 2.41
CA ALA A 223 -11.46 24.93 2.10
C ALA A 223 -11.50 25.22 0.62
N GLU A 224 -10.32 25.42 0.02
CA GLU A 224 -10.22 25.73 -1.41
C GLU A 224 -10.35 24.52 -2.32
N GLN A 225 -9.77 23.38 -1.91
CA GLN A 225 -9.64 22.23 -2.80
C GLN A 225 -10.74 21.19 -2.64
N GLY A 226 -11.28 21.04 -1.44
CA GLY A 226 -12.44 20.17 -1.24
C GLY A 226 -12.23 18.68 -1.48
N GLY A 227 -11.00 18.21 -1.30
CA GLY A 227 -10.67 16.80 -1.50
C GLY A 227 -10.70 15.99 -0.21
N LYS A 228 -10.21 14.75 -0.32
CA LYS A 228 -10.20 13.81 0.79
C LYS A 228 -8.80 13.22 0.93
N VAL A 229 -8.38 13.04 2.18
CA VAL A 229 -7.07 12.49 2.51
C VAL A 229 -7.25 11.24 3.37
N GLY A 230 -6.66 10.13 2.90
CA GLY A 230 -6.62 8.89 3.66
C GLY A 230 -5.21 8.34 3.70
N ILE A 231 -5.11 7.07 4.09
CA ILE A 231 -3.85 6.34 4.19
C ILE A 231 -4.19 4.93 3.74
N SER A 232 -3.26 4.24 3.07
CA SER A 232 -3.49 2.85 2.63
C SER A 232 -2.73 1.88 3.50
N LEU A 233 -3.46 0.93 4.08
CA LEU A 233 -2.89 -0.04 4.99
C LEU A 233 -3.11 -1.44 4.41
N ASN A 234 -2.06 -2.25 4.41
CA ASN A 234 -2.13 -3.63 3.99
C ASN A 234 -2.45 -4.51 5.19
N ILE A 235 -3.32 -5.50 5.00
CA ILE A 235 -3.62 -6.43 6.05
C ILE A 235 -4.04 -7.76 5.42
N ASN A 236 -3.50 -8.85 5.93
CA ASN A 236 -3.98 -10.19 5.63
C ASN A 236 -5.10 -10.59 6.56
N TRP A 237 -6.07 -11.37 6.07
CA TRP A 237 -6.98 -12.03 7.00
C TRP A 237 -6.18 -13.07 7.80
N CYS A 238 -6.50 -13.27 9.06
CA CYS A 238 -5.84 -14.29 9.89
C CYS A 238 -6.93 -15.18 10.46
N GLU A 239 -7.01 -16.39 9.93
CA GLU A 239 -8.06 -17.34 10.29
C GLU A 239 -7.58 -18.23 11.43
N PRO A 240 -8.41 -18.43 12.48
CA PRO A 240 -7.95 -19.29 13.56
C PRO A 240 -7.67 -20.71 13.04
N ALA A 241 -6.52 -21.27 13.42
CA ALA A 241 -6.14 -22.59 12.93
C ALA A 241 -7.13 -23.64 13.42
N THR A 242 -7.63 -23.47 14.65
CA THR A 242 -8.75 -24.23 15.18
C THR A 242 -9.75 -23.25 15.77
N ASN A 243 -10.97 -23.71 16.07
CA ASN A 243 -12.00 -22.85 16.66
C ASN A 243 -11.81 -22.45 18.14
N SER A 244 -10.64 -22.68 18.72
CA SER A 244 -10.48 -22.41 20.12
C SER A 244 -10.41 -20.90 20.44
N ALA A 245 -10.79 -20.57 21.66
CA ALA A 245 -10.65 -19.21 22.16
C ALA A 245 -9.20 -18.73 22.07
N GLU A 246 -8.26 -19.63 22.37
CA GLU A 246 -6.84 -19.29 22.33
C GLU A 246 -6.35 -18.98 20.92
N ASP A 247 -6.81 -19.74 19.91
CA ASP A 247 -6.43 -19.42 18.53
C ASP A 247 -7.11 -18.15 18.05
N ARG A 248 -8.36 -17.93 18.46
CA ARG A 248 -9.01 -16.66 18.16
C ARG A 248 -8.24 -15.49 18.74
N ALA A 249 -7.74 -15.63 19.97
CA ALA A 249 -6.96 -14.57 20.61
C ALA A 249 -5.73 -14.25 19.76
N SER A 250 -5.08 -15.29 19.25
CA SER A 250 -3.86 -15.10 18.46
C SER A 250 -4.16 -14.33 17.15
N CYS A 251 -5.32 -14.59 16.55
CA CYS A 251 -5.76 -13.85 15.36
C CYS A 251 -6.07 -12.39 15.63
N GLU A 252 -6.66 -12.11 16.80
CA GLU A 252 -6.86 -10.73 17.22
C GLU A 252 -5.51 -10.03 17.43
N ASN A 253 -4.56 -10.75 18.04
CA ASN A 253 -3.22 -10.21 18.18
C ASN A 253 -2.67 -9.84 16.80
N TYR A 254 -2.82 -10.73 15.83
CA TYR A 254 -2.35 -10.45 14.49
C TYR A 254 -2.97 -9.17 13.94
N GLN A 255 -4.29 -9.05 14.02
CA GLN A 255 -4.94 -7.87 13.49
C GLN A 255 -4.40 -6.61 14.15
N GLN A 256 -4.24 -6.64 15.46
CA GLN A 256 -3.79 -5.44 16.17
C GLN A 256 -2.33 -5.09 15.87
N PHE A 257 -1.48 -6.11 15.72
CA PHE A 257 -0.07 -5.88 15.45
C PHE A 257 0.21 -5.44 14.03
N ASN A 258 -0.71 -5.73 13.10
CA ASN A 258 -0.46 -5.51 11.68
C ASN A 258 -1.30 -4.35 11.14
N LEU A 259 -2.60 -4.40 11.38
CA LEU A 259 -3.48 -3.31 11.00
C LEU A 259 -3.60 -2.27 12.13
N GLY A 260 -3.86 -2.74 13.34
CA GLY A 260 -4.10 -1.84 14.47
C GLY A 260 -2.93 -0.94 14.80
N LEU A 261 -1.70 -1.39 14.55
CA LEU A 261 -0.48 -0.61 14.76
CA LEU A 261 -0.53 -0.58 14.83
C LEU A 261 -0.68 0.80 14.18
N TYR A 262 -1.19 0.85 12.95
CA TYR A 262 -1.45 2.12 12.25
C TYR A 262 -2.87 2.63 12.41
N ALA A 263 -3.84 1.73 12.36
CA ALA A 263 -5.24 2.17 12.33
C ALA A 263 -5.77 2.55 13.70
N HIS A 264 -5.28 1.95 14.78
CA HIS A 264 -5.81 2.33 16.09
C HIS A 264 -5.49 3.80 16.44
N PRO A 265 -4.26 4.28 16.16
CA PRO A 265 -4.00 5.68 16.49
C PRO A 265 -4.86 6.66 15.69
N ILE A 266 -5.21 6.29 14.46
CA ILE A 266 -5.85 7.24 13.53
C ILE A 266 -7.37 7.11 13.51
N PHE A 267 -7.87 5.87 13.49
CA PHE A 267 -9.28 5.60 13.15
C PHE A 267 -10.19 5.28 14.32
N THR A 268 -9.68 5.25 15.55
CA THR A 268 -10.52 5.00 16.71
C THR A 268 -10.74 6.28 17.50
N GLU A 269 -11.78 6.30 18.33
CA GLU A 269 -12.01 7.43 19.21
CA GLU A 269 -12.03 7.43 19.23
C GLU A 269 -10.98 7.50 20.34
N GLU A 270 -10.48 6.34 20.75
CA GLU A 270 -9.47 6.29 21.81
C GLU A 270 -8.12 6.80 21.34
N GLY A 271 -7.77 6.49 20.10
CA GLY A 271 -6.42 6.78 19.60
C GLY A 271 -5.37 5.91 20.28
N ASP A 272 -4.12 6.30 20.08
CA ASP A 272 -2.96 5.58 20.61
C ASP A 272 -2.80 4.22 19.91
N TYR A 273 -1.68 3.56 20.17
CA TYR A 273 -1.50 2.17 19.75
C TYR A 273 -2.52 1.27 20.45
N PRO A 274 -2.82 0.11 19.85
CA PRO A 274 -3.64 -0.88 20.58
C PRO A 274 -2.99 -1.28 21.91
N ALA A 275 -3.82 -1.51 22.93
CA ALA A 275 -3.31 -1.92 24.23
C ALA A 275 -2.44 -3.18 24.11
N VAL A 276 -2.84 -4.17 23.30
CA VAL A 276 -2.09 -5.42 23.26
C VAL A 276 -0.68 -5.19 22.71
N LEU A 277 -0.55 -4.23 21.80
CA LEU A 277 0.76 -3.90 21.23
CA LEU A 277 0.75 -3.91 21.24
C LEU A 277 1.64 -3.30 22.33
N LYS A 278 1.11 -2.28 23.01
CA LYS A 278 1.85 -1.64 24.08
C LYS A 278 2.24 -2.65 25.16
N ASP A 279 1.29 -3.47 25.58
CA ASP A 279 1.52 -4.34 26.72
C ASP A 279 2.48 -5.48 26.36
N ARG A 280 2.32 -6.13 25.21
CA ARG A 280 3.19 -7.25 24.88
C ARG A 280 4.63 -6.76 24.68
N VAL A 281 4.82 -5.63 24.03
CA VAL A 281 6.18 -5.14 23.80
C VAL A 281 6.81 -4.67 25.11
N SER A 282 6.03 -4.03 25.99
CA SER A 282 6.53 -3.60 27.29
CA SER A 282 6.64 -3.60 27.24
C SER A 282 7.03 -4.81 28.10
N ARG A 283 6.19 -5.84 28.14
CA ARG A 283 6.54 -7.05 28.91
C ARG A 283 7.79 -7.71 28.31
N ASN A 284 7.81 -7.89 27.00
CA ASN A 284 8.97 -8.54 26.38
C ASN A 284 10.24 -7.75 26.58
N SER A 285 10.14 -6.42 26.47
CA SER A 285 11.31 -5.56 26.64
C SER A 285 11.86 -5.68 28.06
N ALA A 286 10.96 -5.69 29.04
CA ALA A 286 11.39 -5.82 30.44
C ALA A 286 12.07 -7.17 30.66
N ASP A 287 11.46 -8.23 30.15
CA ASP A 287 11.98 -9.58 30.32
C ASP A 287 13.36 -9.74 29.69
N GLU A 288 13.64 -8.99 28.63
CA GLU A 288 14.93 -9.06 27.98
C GLU A 288 15.97 -8.10 28.55
N GLY A 289 15.59 -7.33 29.56
CA GLY A 289 16.55 -6.52 30.28
C GLY A 289 16.63 -5.07 29.83
N TYR A 290 15.83 -4.62 28.87
CA TYR A 290 15.84 -3.21 28.48
C TYR A 290 15.30 -2.36 29.62
N THR A 291 15.94 -1.22 29.88
CA THR A 291 15.35 -0.22 30.78
C THR A 291 14.04 0.32 30.22
N ASP A 292 14.00 0.56 28.91
CA ASP A 292 12.87 1.19 28.24
C ASP A 292 12.20 0.22 27.27
N SER A 293 10.88 0.30 27.14
CA SER A 293 10.20 -0.48 26.16
C SER A 293 10.75 -0.18 24.77
N ARG A 294 10.84 -1.21 23.93
CA ARG A 294 11.19 -1.00 22.53
C ARG A 294 10.11 -0.29 21.74
N LEU A 295 8.88 -0.19 22.28
CA LEU A 295 7.82 0.52 21.57
C LEU A 295 7.83 2.00 21.95
N PRO A 296 7.97 2.90 20.96
CA PRO A 296 7.91 4.33 21.31
C PRO A 296 6.51 4.70 21.82
N GLN A 297 6.44 5.83 22.52
CA GLN A 297 5.20 6.28 23.16
C GLN A 297 4.71 7.59 22.56
N PHE A 298 3.39 7.72 22.48
CA PHE A 298 2.76 9.01 22.20
C PHE A 298 2.39 9.70 23.50
N THR A 299 2.59 11.00 23.58
CA THR A 299 2.03 11.76 24.70
C THR A 299 0.54 11.92 24.49
N ALA A 300 -0.17 12.35 25.54
CA ALA A 300 -1.61 12.57 25.44
C ALA A 300 -1.93 13.59 24.35
N GLU A 301 -1.13 14.65 24.26
CA GLU A 301 -1.35 15.66 23.23
C GLU A 301 -1.19 15.06 21.83
N GLU A 302 -0.18 14.21 21.67
CA GLU A 302 0.06 13.58 20.38
C GLU A 302 -1.08 12.61 20.03
N VAL A 303 -1.59 11.86 21.02
CA VAL A 303 -2.71 10.96 20.78
C VAL A 303 -3.89 11.76 20.21
N GLU A 304 -4.17 12.92 20.80
CA GLU A 304 -5.27 13.76 20.38
C GLU A 304 -5.03 14.33 18.98
N TYR A 305 -3.79 14.72 18.71
CA TYR A 305 -3.43 15.25 17.40
C TYR A 305 -3.61 14.23 16.28
N ILE A 306 -3.24 12.99 16.57
CA ILE A 306 -3.23 11.93 15.55
C ILE A 306 -4.64 11.37 15.32
N ARG A 307 -5.42 11.21 16.39
CA ARG A 307 -6.71 10.58 16.18
C ARG A 307 -7.62 11.46 15.34
N GLY A 308 -8.35 10.81 14.44
CA GLY A 308 -9.30 11.52 13.60
C GLY A 308 -8.72 12.07 12.31
N THR A 309 -7.44 11.79 12.03
CA THR A 309 -6.78 12.33 10.83
C THR A 309 -7.10 11.47 9.60
N HIS A 310 -8.37 11.45 9.21
CA HIS A 310 -8.74 10.63 8.06
C HIS A 310 -10.05 11.07 7.45
N ASP A 311 -10.15 10.96 6.12
CA ASP A 311 -11.42 11.11 5.41
C ASP A 311 -11.91 9.80 4.84
N PHE A 312 -11.04 8.78 4.80
CA PHE A 312 -11.39 7.42 4.42
C PHE A 312 -10.20 6.55 4.78
N LEU A 313 -10.41 5.24 4.74
CA LEU A 313 -9.37 4.24 4.95
C LEU A 313 -9.08 3.53 3.63
N GLY A 314 -7.83 3.55 3.19
CA GLY A 314 -7.41 2.72 2.07
C GLY A 314 -6.98 1.36 2.57
N ILE A 315 -7.42 0.31 1.88
CA ILE A 315 -7.02 -1.05 2.24
C ILE A 315 -6.37 -1.74 1.05
N ASN A 316 -5.22 -2.35 1.30
CA ASN A 316 -4.57 -3.23 0.36
C ASN A 316 -4.78 -4.65 0.87
N PHE A 317 -5.44 -5.48 0.07
CA PHE A 317 -5.76 -6.84 0.50
C PHE A 317 -5.32 -7.82 -0.57
N TYR A 318 -4.61 -8.86 -0.15
CA TYR A 318 -4.11 -9.89 -1.06
C TYR A 318 -4.41 -11.32 -0.65
N THR A 319 -4.36 -11.63 0.65
CA THR A 319 -4.30 -13.03 1.07
C THR A 319 -4.68 -13.22 2.53
N ALA A 320 -4.56 -14.47 2.98
CA ALA A 320 -4.87 -14.85 4.34
C ALA A 320 -3.76 -15.73 4.90
N LEU A 321 -3.74 -15.82 6.23
CA LEU A 321 -2.89 -16.73 6.97
C LEU A 321 -3.76 -17.49 7.97
N LEU A 322 -3.23 -18.60 8.49
CA LEU A 322 -3.77 -19.26 9.66
C LEU A 322 -2.98 -18.82 10.89
N GLY A 323 -3.68 -18.56 11.99
CA GLY A 323 -3.04 -18.18 13.23
C GLY A 323 -3.38 -19.13 14.34
N LYS A 324 -2.37 -19.50 15.12
CA LYS A 324 -2.58 -20.29 16.31
C LYS A 324 -1.85 -19.69 17.50
N SER A 325 -2.37 -20.00 18.68
CA SER A 325 -1.80 -19.52 19.92
C SER A 325 -0.34 -19.96 20.08
N GLY A 326 0.51 -19.02 20.48
CA GLY A 326 1.91 -19.31 20.72
C GLY A 326 2.75 -18.11 20.33
N VAL A 327 4.05 -18.31 20.44
CA VAL A 327 5.03 -17.26 20.16
C VAL A 327 6.13 -17.89 19.32
N GLU A 328 6.49 -17.25 18.22
CA GLU A 328 7.72 -17.66 17.57
C GLU A 328 8.34 -16.46 16.86
N GLY A 329 9.57 -16.66 16.41
CA GLY A 329 10.31 -15.60 15.75
C GLY A 329 11.55 -15.22 16.53
N TYR A 330 12.36 -14.38 15.94
CA TYR A 330 13.59 -13.96 16.59
C TYR A 330 13.34 -12.91 17.66
N GLU A 331 14.20 -12.91 18.67
CA GLU A 331 14.15 -11.89 19.71
C GLU A 331 15.25 -10.88 19.43
N PRO A 332 14.91 -9.59 19.26
CA PRO A 332 13.57 -9.02 19.21
C PRO A 332 13.03 -8.98 17.78
N SER A 333 11.70 -9.04 17.64
CA SER A 333 11.08 -8.82 16.34
C SER A 333 9.60 -8.57 16.57
N ARG A 334 8.97 -7.90 15.61
CA ARG A 334 7.54 -7.68 15.73
CA ARG A 334 7.53 -7.65 15.67
C ARG A 334 6.74 -8.96 15.63
N TYR A 335 7.19 -9.90 14.79
CA TYR A 335 6.51 -11.19 14.72
C TYR A 335 6.52 -11.89 16.07
N ARG A 336 7.67 -11.93 16.73
CA ARG A 336 7.74 -12.55 18.04
C ARG A 336 6.88 -11.80 19.04
N ASP A 337 6.93 -10.47 19.02
CA ASP A 337 6.13 -9.66 19.95
C ASP A 337 4.63 -9.91 19.76
N SER A 338 4.20 -10.24 18.54
CA SER A 338 2.78 -10.33 18.22
C SER A 338 2.07 -11.53 18.85
N GLY A 339 2.79 -12.58 19.25
CA GLY A 339 2.12 -13.67 19.96
C GLY A 339 1.10 -14.42 19.13
N VAL A 340 1.51 -14.77 17.92
CA VAL A 340 0.73 -15.65 17.04
C VAL A 340 1.73 -16.50 16.22
N ILE A 341 1.37 -17.75 15.96
CA ILE A 341 2.15 -18.60 15.08
C ILE A 341 1.39 -18.67 13.76
N LEU A 342 2.03 -18.21 12.70
CA LEU A 342 1.39 -18.01 11.40
C LEU A 342 1.80 -19.06 10.39
N THR A 343 0.82 -19.61 9.69
CA THR A 343 1.07 -20.59 8.63
C THR A 343 0.09 -20.31 7.48
N GLN A 344 0.21 -21.09 6.42
CA GLN A 344 -0.82 -21.05 5.38
CA GLN A 344 -0.67 -21.10 5.26
C GLN A 344 -1.29 -22.49 5.14
N ASP A 345 -2.55 -22.61 4.72
CA ASP A 345 -3.15 -23.92 4.46
C ASP A 345 -2.68 -24.41 3.11
N ALA A 346 -2.18 -25.65 3.08
CA ALA A 346 -1.70 -26.26 1.84
C ALA A 346 -2.77 -26.39 0.77
N ALA A 347 -4.03 -26.41 1.19
CA ALA A 347 -5.13 -26.57 0.24
C ALA A 347 -5.45 -25.31 -0.57
N TRP A 348 -5.01 -24.15 -0.09
CA TRP A 348 -5.34 -22.90 -0.76
C TRP A 348 -4.61 -22.83 -2.09
N PRO A 349 -5.27 -22.32 -3.16
CA PRO A 349 -4.59 -22.17 -4.45
C PRO A 349 -3.40 -21.24 -4.32
N ILE A 350 -2.36 -21.53 -5.10
CA ILE A 350 -1.11 -20.78 -5.04
C ILE A 350 -1.06 -19.70 -6.11
N SER A 351 -0.02 -18.90 -6.06
CA SER A 351 0.27 -17.88 -7.06
C SER A 351 1.74 -18.05 -7.44
N ALA A 352 2.33 -17.04 -8.07
CA ALA A 352 3.78 -17.03 -8.30
C ALA A 352 4.55 -16.39 -7.16
N SER A 353 3.86 -16.07 -6.07
CA SER A 353 4.50 -15.42 -4.92
C SER A 353 4.29 -16.30 -3.69
N SER A 354 5.38 -16.64 -3.00
CA SER A 354 5.32 -17.58 -1.88
C SER A 354 4.34 -17.16 -0.79
N TRP A 355 4.19 -15.86 -0.62
CA TRP A 355 3.38 -15.28 0.43
C TRP A 355 1.88 -15.19 0.07
N LEU A 356 1.54 -15.37 -1.20
CA LEU A 356 0.21 -15.03 -1.69
C LEU A 356 -0.53 -16.31 -2.08
N LYS A 357 -1.51 -16.66 -1.25
CA LYS A 357 -2.44 -17.74 -1.54
C LYS A 357 -3.83 -17.17 -1.82
N VAL A 358 -4.64 -17.88 -2.58
CA VAL A 358 -5.94 -17.35 -2.97
C VAL A 358 -6.99 -17.75 -1.94
N VAL A 359 -7.45 -16.77 -1.17
CA VAL A 359 -8.38 -17.03 -0.06
C VAL A 359 -9.48 -15.96 -0.09
N PRO A 360 -10.38 -16.00 -1.08
CA PRO A 360 -11.25 -14.83 -1.31
C PRO A 360 -12.19 -14.54 -0.15
N TRP A 361 -12.70 -15.57 0.54
CA TRP A 361 -13.56 -15.37 1.69
C TRP A 361 -12.84 -14.60 2.81
N GLY A 362 -11.52 -14.64 2.84
CA GLY A 362 -10.76 -13.85 3.79
C GLY A 362 -10.97 -12.36 3.62
N PHE A 363 -11.23 -11.94 2.38
CA PHE A 363 -11.44 -10.52 2.09
C PHE A 363 -12.71 -10.05 2.79
N ARG A 364 -13.78 -10.83 2.66
CA ARG A 364 -15.03 -10.51 3.34
C ARG A 364 -14.85 -10.49 4.86
N LYS A 365 -14.13 -11.49 5.40
CA LYS A 365 -13.89 -11.50 6.84
C LYS A 365 -13.13 -10.26 7.29
N GLU A 366 -12.12 -9.87 6.52
CA GLU A 366 -11.33 -8.71 6.88
C GLU A 366 -12.16 -7.43 6.85
N LEU A 367 -12.99 -7.28 5.82
CA LEU A 367 -13.82 -6.09 5.70
C LEU A 367 -14.78 -5.99 6.88
N ASN A 368 -15.30 -7.12 7.34
CA ASN A 368 -16.15 -7.11 8.54
C ASN A 368 -15.36 -6.77 9.80
N TRP A 369 -14.15 -7.28 9.91
CA TRP A 369 -13.31 -6.96 11.08
C TRP A 369 -13.10 -5.45 11.16
N ILE A 370 -12.73 -4.85 10.04
CA ILE A 370 -12.54 -3.41 9.91
C ILE A 370 -13.82 -2.63 10.26
N LYS A 371 -14.96 -3.07 9.72
CA LYS A 371 -16.22 -2.40 9.99
C LYS A 371 -16.46 -2.36 11.49
N ASN A 372 -16.26 -3.49 12.16
CA ASN A 372 -16.56 -3.58 13.58
C ASN A 372 -15.55 -2.84 14.44
N GLU A 373 -14.28 -2.86 14.07
CA GLU A 373 -13.24 -2.24 14.88
C GLU A 373 -13.26 -0.72 14.77
N TYR A 374 -13.53 -0.20 13.58
CA TYR A 374 -13.35 1.22 13.28
C TYR A 374 -14.66 1.94 12.98
N ASN A 375 -15.78 1.32 13.33
CA ASN A 375 -17.11 1.91 13.19
C ASN A 375 -17.42 2.25 11.73
N ASN A 376 -17.20 1.26 10.88
CA ASN A 376 -17.58 1.31 9.48
C ASN A 376 -17.09 2.56 8.75
N PRO A 377 -15.78 2.80 8.75
CA PRO A 377 -15.25 3.92 7.97
C PRO A 377 -15.48 3.69 6.47
N PRO A 378 -15.54 4.77 5.67
CA PRO A 378 -15.50 4.56 4.22
C PRO A 378 -14.17 3.89 3.87
N VAL A 379 -14.24 2.79 3.14
CA VAL A 379 -13.08 1.99 2.78
C VAL A 379 -12.91 2.02 1.26
N PHE A 380 -11.71 2.40 0.81
CA PHE A 380 -11.38 2.34 -0.62
C PHE A 380 -10.35 1.24 -0.75
N ILE A 381 -10.63 0.23 -1.56
CA ILE A 381 -9.66 -0.84 -1.78
C ILE A 381 -8.62 -0.32 -2.76
N THR A 382 -7.44 0.00 -2.23
CA THR A 382 -6.43 0.64 -3.07
C THR A 382 -5.51 -0.36 -3.77
N GLU A 383 -5.49 -1.61 -3.33
CA GLU A 383 -4.78 -2.69 -4.02
C GLU A 383 -5.48 -4.02 -3.76
N ASN A 384 -5.54 -4.83 -4.81
CA ASN A 384 -5.95 -6.24 -4.72
C ASN A 384 -5.49 -6.87 -6.04
N GLY A 385 -4.80 -8.01 -6.00
CA GLY A 385 -4.29 -8.58 -7.24
C GLY A 385 -3.53 -9.86 -7.00
N PHE A 386 -2.96 -10.38 -8.08
CA PHE A 386 -2.53 -11.79 -8.14
C PHE A 386 -1.33 -11.92 -9.04
N SER A 387 -0.39 -12.80 -8.67
CA SER A 387 0.80 -13.00 -9.48
C SER A 387 0.81 -14.31 -10.25
N ASP A 388 1.39 -14.24 -11.45
CA ASP A 388 1.81 -15.42 -12.20
C ASP A 388 3.19 -15.13 -12.79
N TYR A 389 3.74 -16.08 -13.55
CA TYR A 389 5.08 -15.89 -14.11
C TYR A 389 5.05 -15.33 -15.52
N GLY A 390 3.86 -15.15 -16.07
CA GLY A 390 3.73 -14.68 -17.46
C GLY A 390 2.49 -15.24 -18.11
N GLY A 391 2.20 -14.78 -19.32
CA GLY A 391 1.07 -15.28 -20.08
C GLY A 391 -0.10 -14.32 -20.16
N LEU A 392 -0.79 -14.36 -21.29
CA LEU A 392 -1.95 -13.52 -21.51
C LEU A 392 -3.27 -14.21 -21.17
N ASN A 393 -3.28 -15.55 -21.19
CA ASN A 393 -4.50 -16.26 -20.85
C ASN A 393 -4.48 -16.54 -19.36
N ASP A 394 -4.65 -15.47 -18.60
CA ASP A 394 -4.35 -15.50 -17.17
C ASP A 394 -5.57 -15.90 -16.35
N THR A 395 -5.98 -17.15 -16.52
CA THR A 395 -7.21 -17.63 -15.89
CA THR A 395 -7.18 -17.69 -15.88
C THR A 395 -7.15 -17.53 -14.36
N GLY A 396 -5.98 -17.78 -13.77
CA GLY A 396 -5.81 -17.65 -12.33
C GLY A 396 -6.12 -16.23 -11.88
N ARG A 397 -5.61 -15.25 -12.60
CA ARG A 397 -5.88 -13.86 -12.27
C ARG A 397 -7.35 -13.49 -12.49
N VAL A 398 -7.94 -13.98 -13.57
CA VAL A 398 -9.36 -13.74 -13.80
C VAL A 398 -10.17 -14.25 -12.62
N HIS A 399 -9.92 -15.49 -12.20
CA HIS A 399 -10.64 -16.10 -11.09
C HIS A 399 -10.38 -15.34 -9.79
N TYR A 400 -9.13 -14.92 -9.58
CA TYR A 400 -8.81 -14.14 -8.39
C TYR A 400 -9.68 -12.88 -8.32
N TYR A 401 -9.75 -12.13 -9.43
CA TYR A 401 -10.51 -10.90 -9.42
C TYR A 401 -12.00 -11.14 -9.25
N THR A 402 -12.56 -12.08 -10.02
CA THR A 402 -14.00 -12.29 -9.95
C THR A 402 -14.41 -12.77 -8.56
N GLU A 403 -13.62 -13.65 -7.95
CA GLU A 403 -13.97 -14.09 -6.60
C GLU A 403 -13.81 -12.97 -5.57
N HIS A 404 -12.71 -12.22 -5.62
CA HIS A 404 -12.54 -11.15 -4.65
C HIS A 404 -13.59 -10.06 -4.78
N LEU A 405 -13.96 -9.71 -6.01
CA LEU A 405 -15.03 -8.74 -6.23
C LEU A 405 -16.37 -9.27 -5.73
N LYS A 406 -16.66 -10.55 -5.95
CA LYS A 406 -17.88 -11.14 -5.39
C LYS A 406 -17.92 -11.05 -3.87
N GLU A 407 -16.78 -11.34 -3.24
CA GLU A 407 -16.73 -11.31 -1.79
C GLU A 407 -16.88 -9.88 -1.26
N MET A 408 -16.25 -8.93 -1.93
CA MET A 408 -16.40 -7.53 -1.57
C MET A 408 -17.86 -7.08 -1.72
N LEU A 409 -18.51 -7.50 -2.80
CA LEU A 409 -19.89 -7.13 -3.02
C LEU A 409 -20.82 -7.73 -1.96
N LYS A 410 -20.52 -8.94 -1.48
CA LYS A 410 -21.26 -9.48 -0.35
C LYS A 410 -21.03 -8.64 0.91
N ALA A 411 -19.79 -8.22 1.14
CA ALA A 411 -19.50 -7.36 2.28
C ALA A 411 -20.33 -6.07 2.20
N ILE A 412 -20.44 -5.50 1.00
CA ILE A 412 -21.22 -4.26 0.82
C ILE A 412 -22.70 -4.54 1.03
N HIS A 413 -23.24 -5.49 0.26
CA HIS A 413 -24.69 -5.62 0.19
C HIS A 413 -25.29 -6.42 1.33
N GLU A 414 -24.63 -7.52 1.71
CA GLU A 414 -25.11 -8.37 2.78
C GLU A 414 -24.68 -7.93 4.17
N ASP A 415 -23.48 -7.34 4.26
CA ASP A 415 -22.90 -7.04 5.56
C ASP A 415 -22.88 -5.56 5.90
N GLY A 416 -23.26 -4.70 4.96
CA GLY A 416 -23.32 -3.26 5.22
C GLY A 416 -21.97 -2.57 5.38
N VAL A 417 -20.93 -3.12 4.78
CA VAL A 417 -19.62 -2.48 4.87
C VAL A 417 -19.55 -1.34 3.87
N ASN A 418 -19.10 -0.17 4.32
CA ASN A 418 -19.07 1.02 3.44
C ASN A 418 -17.83 1.06 2.54
N VAL A 419 -17.75 0.12 1.61
CA VAL A 419 -16.68 0.15 0.62
C VAL A 419 -17.10 1.10 -0.51
N ILE A 420 -16.22 2.05 -0.84
CA ILE A 420 -16.53 3.14 -1.76
C ILE A 420 -15.77 3.10 -3.08
N GLY A 421 -14.75 2.25 -3.18
CA GLY A 421 -14.03 2.15 -4.45
C GLY A 421 -13.04 0.99 -4.42
N TYR A 422 -12.47 0.71 -5.59
CA TYR A 422 -11.58 -0.42 -5.77
C TYR A 422 -10.66 -0.14 -6.95
N THR A 423 -9.35 -0.17 -6.71
CA THR A 423 -8.36 -0.14 -7.79
C THR A 423 -7.56 -1.44 -7.82
N ALA A 424 -7.65 -2.17 -8.93
CA ALA A 424 -6.88 -3.41 -9.13
C ALA A 424 -5.40 -3.12 -9.10
N TRP A 425 -4.66 -3.98 -8.41
CA TRP A 425 -3.21 -3.98 -8.49
C TRP A 425 -2.77 -5.09 -9.44
N SER A 426 -2.11 -4.82 -10.57
CA SER A 426 -1.67 -3.51 -11.04
CA SER A 426 -1.77 -3.47 -11.01
C SER A 426 -2.14 -3.30 -12.48
N LEU A 427 -2.19 -2.04 -12.90
CA LEU A 427 -2.47 -1.76 -14.30
C LEU A 427 -1.59 -2.57 -15.24
N MET A 428 -0.29 -2.66 -14.94
CA MET A 428 0.64 -3.37 -15.81
CA MET A 428 0.56 -3.47 -15.78
C MET A 428 1.69 -4.14 -15.01
N ASP A 429 2.29 -5.15 -15.64
CA ASP A 429 3.42 -5.83 -15.03
C ASP A 429 4.46 -4.75 -14.76
N ASN A 430 5.18 -4.89 -13.66
CA ASN A 430 6.08 -3.82 -13.30
C ASN A 430 7.28 -4.37 -12.51
N PHE A 431 8.13 -3.49 -12.01
CA PHE A 431 9.25 -3.92 -11.16
C PHE A 431 8.71 -4.31 -9.80
N GLU A 432 8.73 -5.61 -9.50
CA GLU A 432 8.14 -6.16 -8.28
C GLU A 432 9.15 -6.23 -7.15
N TRP A 433 9.74 -5.08 -6.84
CA TRP A 433 10.61 -4.94 -5.67
C TRP A 433 11.72 -6.00 -5.68
N LEU A 434 11.91 -6.72 -4.59
CA LEU A 434 13.00 -7.71 -4.54
C LEU A 434 12.82 -8.86 -5.52
N ARG A 435 11.62 -9.00 -6.08
CA ARG A 435 11.33 -10.05 -7.05
C ARG A 435 11.65 -9.61 -8.47
N GLY A 436 12.12 -8.37 -8.64
CA GLY A 436 12.47 -7.90 -9.98
C GLY A 436 11.30 -8.03 -10.94
N TYR A 437 11.58 -8.47 -12.16
CA TYR A 437 10.54 -8.65 -13.17
C TYR A 437 10.04 -10.09 -13.24
N SER A 438 10.37 -10.88 -12.22
CA SER A 438 10.08 -12.33 -12.26
C SER A 438 8.63 -12.66 -11.91
N GLU A 439 7.97 -11.80 -11.14
CA GLU A 439 6.58 -12.01 -10.78
C GLU A 439 5.73 -10.95 -11.47
N LYS A 440 4.62 -11.40 -12.04
CA LYS A 440 3.77 -10.55 -12.87
C LYS A 440 2.47 -10.30 -12.13
N PHE A 441 2.15 -9.04 -11.86
CA PHE A 441 0.90 -8.65 -11.20
C PHE A 441 -0.02 -7.84 -12.13
N GLY A 442 0.39 -7.57 -13.36
CA GLY A 442 -0.41 -6.72 -14.23
C GLY A 442 -1.65 -7.35 -14.81
N ILE A 443 -2.61 -6.48 -15.12
CA ILE A 443 -3.71 -6.90 -16.00
C ILE A 443 -3.35 -6.63 -17.47
N TYR A 444 -2.36 -5.76 -17.70
CA TYR A 444 -1.67 -5.59 -18.99
C TYR A 444 -0.26 -6.17 -18.86
N ALA A 445 0.15 -6.93 -19.88
CA ALA A 445 1.51 -7.45 -19.96
C ALA A 445 2.43 -6.40 -20.56
N VAL A 446 3.68 -6.39 -20.13
CA VAL A 446 4.69 -5.50 -20.69
C VAL A 446 5.91 -6.32 -21.05
N ASP A 447 6.40 -6.12 -22.28
CA ASP A 447 7.61 -6.80 -22.74
C ASP A 447 8.84 -6.00 -22.31
N PHE A 448 9.52 -6.47 -21.26
CA PHE A 448 10.67 -5.76 -20.71
C PHE A 448 11.95 -5.95 -21.52
N GLU A 449 11.87 -6.72 -22.60
CA GLU A 449 12.98 -6.89 -23.52
C GLU A 449 12.81 -6.00 -24.74
N ASP A 450 11.68 -5.31 -24.83
CA ASP A 450 11.36 -4.43 -25.95
C ASP A 450 11.52 -2.99 -25.46
N PRO A 451 12.46 -2.22 -26.05
CA PRO A 451 12.71 -0.85 -25.57
C PRO A 451 11.47 0.05 -25.58
N ALA A 452 10.48 -0.29 -26.42
CA ALA A 452 9.23 0.47 -26.49
C ALA A 452 8.23 0.11 -25.39
N ARG A 453 8.52 -0.95 -24.65
CA ARG A 453 7.67 -1.37 -23.53
C ARG A 453 6.17 -1.39 -23.87
N PRO A 454 5.78 -2.12 -24.94
CA PRO A 454 4.35 -2.17 -25.26
C PRO A 454 3.52 -2.79 -24.14
N ARG A 455 2.34 -2.22 -23.89
CA ARG A 455 1.38 -2.78 -22.94
C ARG A 455 0.30 -3.50 -23.74
N ILE A 456 0.06 -4.76 -23.39
CA ILE A 456 -0.95 -5.53 -24.12
CA ILE A 456 -0.86 -5.65 -24.12
C ILE A 456 -1.91 -6.19 -23.13
N PRO A 457 -3.22 -6.16 -23.47
CA PRO A 457 -4.18 -6.64 -22.48
C PRO A 457 -4.13 -8.16 -22.28
N LYS A 458 -4.17 -8.59 -21.02
CA LYS A 458 -4.41 -9.99 -20.70
C LYS A 458 -5.91 -10.26 -20.66
N GLU A 459 -6.29 -11.53 -20.54
CA GLU A 459 -7.70 -11.85 -20.35
C GLU A 459 -8.28 -11.11 -19.14
N SER A 460 -7.50 -10.98 -18.06
CA SER A 460 -7.99 -10.27 -16.90
C SER A 460 -8.36 -8.84 -17.21
N ALA A 461 -7.60 -8.16 -18.07
CA ALA A 461 -7.95 -6.79 -18.44
C ALA A 461 -9.28 -6.77 -19.18
N LYS A 462 -9.53 -7.78 -20.02
CA LYS A 462 -10.77 -7.84 -20.78
C LYS A 462 -11.96 -8.09 -19.85
N VAL A 463 -11.78 -8.99 -18.89
CA VAL A 463 -12.83 -9.29 -17.92
C VAL A 463 -13.11 -8.09 -17.02
N LEU A 464 -12.05 -7.43 -16.55
CA LEU A 464 -12.24 -6.25 -15.73
C LEU A 464 -12.92 -5.15 -16.54
N ALA A 465 -12.58 -5.01 -17.82
CA ALA A 465 -13.25 -4.01 -18.65
C ALA A 465 -14.76 -4.32 -18.73
N GLU A 466 -15.09 -5.60 -18.91
CA GLU A 466 -16.48 -6.03 -18.94
C GLU A 466 -17.20 -5.71 -17.63
N ILE A 467 -16.55 -5.96 -16.49
CA ILE A 467 -17.11 -5.64 -15.18
C ILE A 467 -17.31 -4.12 -15.04
N MET A 468 -16.30 -3.34 -15.46
CA MET A 468 -16.42 -1.88 -15.32
C MET A 468 -17.50 -1.32 -16.23
N ASN A 469 -17.66 -1.92 -17.42
CA ASN A 469 -18.66 -1.44 -18.35
C ASN A 469 -20.09 -1.79 -17.93
N THR A 470 -20.30 -3.03 -17.51
CA THR A 470 -21.63 -3.49 -17.15
C THR A 470 -21.99 -3.18 -15.70
N ARG A 471 -20.98 -2.85 -14.88
CA ARG A 471 -21.16 -2.56 -13.45
C ARG A 471 -21.71 -3.74 -12.67
N LYS A 472 -21.42 -4.94 -13.15
CA LYS A 472 -21.80 -6.14 -12.40
C LYS A 472 -20.83 -7.28 -12.67
N ILE A 473 -20.94 -8.33 -11.87
CA ILE A 473 -20.20 -9.55 -12.10
C ILE A 473 -20.95 -10.34 -13.19
N PRO A 474 -20.28 -10.65 -14.31
CA PRO A 474 -20.98 -11.41 -15.35
C PRO A 474 -21.48 -12.76 -14.86
N GLU A 475 -22.59 -13.18 -15.44
CA GLU A 475 -23.29 -14.39 -15.01
C GLU A 475 -22.36 -15.61 -14.96
N ARG A 476 -21.45 -15.72 -15.93
CA ARG A 476 -20.62 -16.92 -16.02
C ARG A 476 -19.65 -17.06 -14.86
N PHE A 477 -19.48 -16.00 -14.08
CA PHE A 477 -18.61 -16.04 -12.91
C PHE A 477 -19.36 -16.13 -11.59
N ARG A 478 -20.70 -16.19 -11.64
CA ARG A 478 -21.49 -16.24 -10.42
C ARG A 478 -21.57 -17.66 -9.89
N ASP A 479 -21.84 -17.79 -8.60
CA ASP A 479 -21.93 -19.10 -7.95
C ASP A 479 -23.01 -19.98 -8.55
C1 GOI B . 2.09 -4.74 -2.16
O1 GOI B . 2.43 -4.89 -0.78
C2 GOI B . 2.70 -3.43 -2.65
O2 GOI B . 2.00 -2.25 -2.18
C3 GOI B . 2.90 -3.36 -4.16
O3 GOI B . 3.81 -2.28 -4.41
C4 GOI B . 3.44 -4.71 -4.64
O4 GOI B . 3.63 -4.67 -6.06
C5 GOI B . 2.47 -5.83 -4.23
O5 GOI B . 2.59 -5.91 -2.82
C6 GOI B . 2.78 -7.21 -4.78
O6 GOI B . 3.89 -7.73 -4.05
CAE GOI B . 10.65 -14.07 4.65
CAF GOI B . 3.82 -16.04 4.59
CAG GOI B . 9.99 -12.96 5.17
CAH GOI B . 3.78 -14.74 5.10
CAI GOI B . 10.00 -14.90 3.73
CAJ GOI B . 4.82 -16.40 3.69
CAK GOI B . 8.68 -12.69 4.74
CAL GOI B . 4.74 -13.81 4.70
CAM GOI B . 8.08 -15.55 2.33
CAN GOI B . 6.81 -15.92 2.33
CAO GOI B . 5.51 -11.04 3.06
CAQ GOI B . 1.54 -5.71 -0.01
CAR GOI B . 5.88 -9.82 2.70
CAS GOI B . 1.94 -7.18 -0.05
CAT GOI B . 4.95 -7.66 2.16
CAU GOI B . 4.99 -9.34 0.43
CAV GOI B . 3.53 -7.22 1.80
CAW GOI B . 3.61 -8.84 -0.01
CAX GOI B . 6.40 -11.87 3.97
CBA GOI B . 8.70 -14.62 3.32
CBB GOI B . 5.79 -15.47 3.30
CBC GOI B . 8.03 -13.51 3.82
CBD GOI B . 5.76 -14.17 3.81
NBJ GOI B . 4.97 -9.11 1.89
NBK GOI B . 3.35 -7.43 0.36
NBL GOI B . 6.71 -13.19 3.42
CAA ONB C . 10.55 -17.38 6.43
CAB ONB C . 11.51 -17.94 13.32
CAC ONB C . 9.88 -18.54 6.81
CAD ONB C . 10.62 -18.97 13.04
CAE ONB C . 10.62 -16.31 7.31
CAF ONB C . 11.48 -16.79 12.54
CAG ONB C . 9.28 -18.63 8.07
CAH ONB C . 9.71 -18.85 12.00
CAI ONB C . 10.14 -15.20 9.44
CAJ ONB C . 10.61 -15.36 10.74
NAK ONB C . 8.78 -17.62 10.19
CAL ONB C . 10.02 -16.40 8.58
CAM ONB C . 10.58 -16.66 11.47
CAN ONB C . 9.35 -17.55 8.95
CAO ONB C . 9.68 -17.69 11.22
C1 GOL D . 11.07 -11.82 25.82
O1 GOL D . 12.00 -12.50 26.65
C2 GOL D . 10.50 -12.76 24.76
O2 GOL D . 11.48 -13.02 23.77
C3 GOL D . 10.02 -14.05 25.41
O3 GOL D . 9.33 -14.86 24.49
NA NA E . 6.36 24.62 -5.31
CL CL F . -22.53 -16.16 -20.33
CL CL G . -11.77 -26.64 15.39
#